data_8GUU
#
_entry.id   8GUU
#
_cell.length_a   139.455
_cell.length_b   139.455
_cell.length_c   104.692
_cell.angle_alpha   90.00
_cell.angle_beta   90.00
_cell.angle_gamma   120.00
#
_symmetry.space_group_name_H-M   'H 3 2'
#
loop_
_entity.id
_entity.type
_entity.pdbx_description
1 polymer 'Sortase-like protein, putative'
2 non-polymer 1,2-ETHANEDIOL
3 water water
#
_entity_poly.entity_id   1
_entity_poly.type   'polypeptide(L)'
_entity_poly.pdbx_seq_one_letter_code
;MQSQAISNYENKVEKLDTSKADEMRAAAEVYNQTLEKGVVPNYRLSEEEKRTYNSLLDVTGTGIMAYVEIPKLGTNLPIY
HGTDDAILQVAIGHIPGSSLPVGGQGTHSVISGHRGLPSAKLFTDIDKLKNGDRFMIHVLGKTITYQVDQTLTVEPEDIS
SLAIDPDQDYCTLVTATPYGINS(MHS)RLLVRGHRVPNEK
;
_entity_poly.pdbx_strand_id   A
#
loop_
_chem_comp.id
_chem_comp.type
_chem_comp.name
_chem_comp.formula
EDO non-polymer 1,2-ETHANEDIOL 'C2 H6 O2'
#
# COMPACT_ATOMS: atom_id res chain seq x y z
N MET A 1 -18.28 1.56 7.39
CA MET A 1 -17.99 0.85 6.12
C MET A 1 -16.50 0.47 6.06
N GLN A 2 -15.64 1.49 6.16
CA GLN A 2 -14.19 1.31 6.23
C GLN A 2 -13.79 0.79 7.61
N SER A 3 -14.49 1.29 8.64
CA SER A 3 -14.36 0.84 10.03
C SER A 3 -14.72 -0.64 10.16
N GLN A 4 -15.86 -1.02 9.55
CA GLN A 4 -16.36 -2.40 9.56
C GLN A 4 -15.37 -3.36 8.90
N ALA A 5 -14.86 -2.95 7.73
CA ALA A 5 -13.88 -3.71 6.97
C ALA A 5 -12.64 -4.03 7.81
N ILE A 6 -12.14 -3.01 8.50
CA ILE A 6 -10.95 -3.12 9.35
C ILE A 6 -11.21 -4.01 10.58
N SER A 7 -12.39 -3.86 11.19
CA SER A 7 -12.80 -4.73 12.30
C SER A 7 -12.80 -6.19 11.86
N ASN A 8 -13.40 -6.45 10.70
CA ASN A 8 -13.47 -7.78 10.11
C ASN A 8 -12.08 -8.38 9.85
N TYR A 9 -11.16 -7.53 9.37
CA TYR A 9 -9.74 -7.89 9.12
C TYR A 9 -9.09 -8.27 10.46
N GLU A 10 -9.24 -7.40 11.48
CA GLU A 10 -8.66 -7.62 12.80
C GLU A 10 -9.17 -8.91 13.43
N ASN A 11 -10.48 -9.18 13.27
CA ASN A 11 -11.10 -10.41 13.74
C ASN A 11 -10.50 -11.67 13.09
N LYS A 12 -10.26 -11.61 11.78
CA LYS A 12 -9.65 -12.73 11.04
C LYS A 12 -8.23 -12.97 11.52
N VAL A 13 -7.47 -11.88 11.66
CA VAL A 13 -6.08 -11.92 12.14
C VAL A 13 -6.00 -12.58 13.53
N GLU A 14 -6.91 -12.19 14.44
CA GLU A 14 -6.98 -12.77 15.78
C GLU A 14 -7.23 -14.28 15.77
N LYS A 15 -8.12 -14.75 14.89
CA LYS A 15 -8.42 -16.18 14.73
C LYS A 15 -7.22 -17.01 14.24
N LEU A 16 -6.36 -16.39 13.43
CA LEU A 16 -5.17 -17.06 12.91
C LEU A 16 -4.17 -17.38 14.02
N ASP A 17 -3.56 -18.58 13.93
CA ASP A 17 -2.39 -18.92 14.74
C ASP A 17 -1.22 -18.10 14.23
N THR A 18 -0.28 -17.78 15.13
CA THR A 18 0.92 -17.04 14.79
C THR A 18 1.69 -17.75 13.67
N SER A 19 1.73 -19.09 13.75
CA SER A 19 2.42 -19.91 12.74
C SER A 19 1.89 -19.60 11.34
N LYS A 20 0.56 -19.58 11.20
CA LYS A 20 -0.12 -19.34 9.93
C LYS A 20 0.10 -17.91 9.42
N ALA A 21 -0.07 -16.93 10.31
CA ALA A 21 0.19 -15.52 10.01
C ALA A 21 1.62 -15.35 9.49
N ASP A 22 2.59 -15.94 10.19
CA ASP A 22 4.00 -15.91 9.80
C ASP A 22 4.24 -16.57 8.44
N GLU A 23 3.57 -17.70 8.20
CA GLU A 23 3.66 -18.41 6.91
C GLU A 23 3.17 -17.54 5.76
N MET A 24 1.98 -16.94 5.94
CA MET A 24 1.37 -16.04 4.96
C MET A 24 2.24 -14.82 4.67
N ARG A 25 2.79 -14.20 5.73
CA ARG A 25 3.64 -12.99 5.61
C ARG A 25 4.96 -13.35 4.92
N ALA A 26 5.54 -14.51 5.26
CA ALA A 26 6.78 -14.99 4.63
C ALA A 26 6.59 -15.25 3.13
N ALA A 27 5.42 -15.78 2.75
CA ALA A 27 5.08 -16.00 1.34
C ALA A 27 5.06 -14.68 0.55
N ALA A 28 4.58 -13.61 1.19
CA ALA A 28 4.57 -12.27 0.61
C ALA A 28 6.00 -11.72 0.45
N GLU A 29 6.85 -12.00 1.44
CA GLU A 29 8.23 -11.57 1.43
C GLU A 29 9.03 -12.29 0.35
N VAL A 30 8.75 -13.58 0.18
CA VAL A 30 9.40 -14.42 -0.83
C VAL A 30 9.04 -13.91 -2.23
N TYR A 31 7.75 -13.62 -2.44
CA TYR A 31 7.19 -13.00 -3.66
C TYR A 31 7.92 -11.68 -3.95
N ASN A 32 8.07 -10.81 -2.94
CA ASN A 32 8.75 -9.53 -3.09
C ASN A 32 10.19 -9.67 -3.57
N GLN A 33 10.86 -10.73 -3.12
CA GLN A 33 12.25 -11.01 -3.46
C GLN A 33 12.43 -11.33 -4.95
N THR A 34 11.37 -11.87 -5.57
CA THR A 34 11.38 -12.21 -7.00
C THR A 34 11.18 -11.01 -7.94
N LEU A 35 10.62 -9.92 -7.42
CA LEU A 35 10.36 -8.71 -8.21
C LEU A 35 11.66 -8.07 -8.71
N GLU A 36 11.62 -7.49 -9.91
CA GLU A 36 12.78 -6.78 -10.47
C GLU A 36 13.04 -5.50 -9.68
N LYS A 37 14.33 -5.16 -9.53
CA LYS A 37 14.77 -4.01 -8.75
C LYS A 37 15.71 -3.11 -9.55
N GLY A 38 15.71 -1.81 -9.20
CA GLY A 38 16.56 -0.82 -9.83
C GLY A 38 16.16 -0.44 -11.25
N VAL A 39 14.87 -0.62 -11.58
CA VAL A 39 14.31 -0.32 -12.90
C VAL A 39 12.97 0.39 -12.76
N VAL A 40 12.52 1.06 -13.83
CA VAL A 40 11.18 1.61 -13.86
C VAL A 40 10.22 0.45 -13.69
N PRO A 41 9.29 0.48 -12.71
CA PRO A 41 8.38 -0.65 -12.47
C PRO A 41 7.53 -1.02 -13.70
N ASN A 42 7.32 -2.33 -13.90
CA ASN A 42 6.38 -2.85 -14.88
C ASN A 42 5.11 -3.27 -14.14
N TYR A 43 4.04 -2.50 -14.31
CA TYR A 43 2.76 -2.67 -13.57
C TYR A 43 1.72 -3.42 -14.43
N ARG A 44 2.15 -3.98 -15.57
CA ARG A 44 1.31 -4.85 -16.42
C ARG A 44 1.60 -6.32 -16.06
N LEU A 45 0.65 -6.98 -15.39
CA LEU A 45 0.78 -8.38 -14.98
C LEU A 45 0.10 -9.32 -15.98
N SER A 46 0.74 -10.47 -16.23
CA SER A 46 0.13 -11.57 -16.97
C SER A 46 -0.94 -12.19 -16.10
N GLU A 47 -1.75 -13.08 -16.70
CA GLU A 47 -2.83 -13.76 -15.99
C GLU A 47 -2.29 -14.62 -14.85
N GLU A 48 -1.18 -15.32 -15.10
CA GLU A 48 -0.51 -16.15 -14.10
C GLU A 48 -0.02 -15.31 -12.93
N GLU A 49 0.54 -14.13 -13.24
CA GLU A 49 1.03 -13.19 -12.22
C GLU A 49 -0.12 -12.63 -11.38
N LYS A 50 -1.25 -12.32 -12.02
CA LYS A 50 -2.44 -11.87 -11.31
C LYS A 50 -2.96 -12.92 -10.32
N ARG A 51 -2.99 -14.19 -10.76
CA ARG A 51 -3.45 -15.33 -9.92
C ARG A 51 -2.54 -15.47 -8.70
N THR A 52 -1.22 -15.42 -8.90
CA THR A 52 -0.25 -15.44 -7.81
C THR A 52 -0.52 -14.29 -6.83
N TYR A 53 -0.62 -13.08 -7.36
CA TYR A 53 -0.84 -11.81 -6.60
C TYR A 53 -2.12 -11.90 -5.77
N ASN A 54 -3.22 -12.35 -6.37
CA ASN A 54 -4.51 -12.48 -5.70
C ASN A 54 -4.55 -13.53 -4.58
N SER A 55 -3.69 -14.56 -4.69
CA SER A 55 -3.61 -15.64 -3.71
C SER A 55 -2.83 -15.24 -2.45
N LEU A 56 -2.04 -14.17 -2.55
CA LEU A 56 -1.21 -13.69 -1.44
C LEU A 56 -1.94 -12.67 -0.58
N LEU A 57 -1.70 -12.74 0.74
CA LEU A 57 -2.29 -11.85 1.73
C LEU A 57 -3.80 -11.70 1.55
N ASP A 58 -4.46 -12.83 1.33
CA ASP A 58 -5.92 -12.90 1.16
C ASP A 58 -6.52 -13.27 2.52
N VAL A 59 -6.47 -12.30 3.45
CA VAL A 59 -6.86 -12.51 4.85
C VAL A 59 -8.37 -12.67 4.95
N THR A 60 -9.10 -11.68 4.44
CA THR A 60 -10.56 -11.70 4.36
C THR A 60 -10.97 -12.20 2.98
N GLY A 61 -12.23 -12.63 2.87
CA GLY A 61 -12.81 -13.02 1.59
C GLY A 61 -12.72 -11.93 0.55
N THR A 62 -12.95 -10.68 0.99
CA THR A 62 -12.97 -9.50 0.12
C THR A 62 -11.60 -9.07 -0.42
N GLY A 63 -10.52 -9.69 0.08
CA GLY A 63 -9.17 -9.44 -0.43
C GLY A 63 -8.41 -8.33 0.27
N ILE A 64 -8.80 -8.01 1.51
CA ILE A 64 -8.07 -7.06 2.33
C ILE A 64 -6.77 -7.72 2.77
N MET A 65 -5.63 -7.09 2.45
CA MET A 65 -4.30 -7.61 2.76
C MET A 65 -3.72 -7.00 4.03
N ALA A 66 -4.15 -5.77 4.35
CA ALA A 66 -3.62 -4.96 5.43
C ALA A 66 -4.51 -3.74 5.60
N TYR A 67 -4.15 -2.87 6.55
CA TYR A 67 -4.74 -1.52 6.68
C TYR A 67 -3.63 -0.53 7.06
N VAL A 68 -3.83 0.74 6.68
CA VAL A 68 -2.89 1.81 6.93
C VAL A 68 -3.48 2.75 7.98
N GLU A 69 -2.60 3.20 8.89
CA GLU A 69 -2.96 4.12 9.95
C GLU A 69 -2.08 5.35 9.78
N ILE A 70 -2.72 6.53 9.74
CA ILE A 70 -2.05 7.82 9.65
C ILE A 70 -2.54 8.69 10.81
N PRO A 71 -1.90 8.60 11.99
CA PRO A 71 -2.38 9.29 13.20
C PRO A 71 -2.67 10.79 13.01
N LYS A 72 -1.78 11.51 12.32
CA LYS A 72 -1.91 12.95 12.13
C LYS A 72 -3.20 13.33 11.42
N LEU A 73 -3.61 12.50 10.45
CA LEU A 73 -4.79 12.75 9.63
C LEU A 73 -6.07 12.09 10.15
N GLY A 74 -5.92 11.32 11.25
CA GLY A 74 -7.02 10.53 11.80
C GLY A 74 -7.58 9.55 10.78
N THR A 75 -6.68 8.95 10.00
CA THR A 75 -7.04 8.08 8.88
C THR A 75 -6.70 6.62 9.20
N ASN A 76 -7.70 5.75 9.05
CA ASN A 76 -7.54 4.30 9.11
C ASN A 76 -8.32 3.67 7.97
N LEU A 77 -7.59 3.08 7.00
CA LEU A 77 -8.18 2.60 5.76
C LEU A 77 -7.74 1.17 5.43
N PRO A 78 -8.67 0.28 5.05
CA PRO A 78 -8.30 -1.07 4.61
C PRO A 78 -7.67 -1.00 3.20
N ILE A 79 -6.68 -1.85 2.95
CA ILE A 79 -5.94 -1.91 1.70
C ILE A 79 -6.34 -3.19 0.98
N TYR A 80 -6.94 -3.05 -0.20
CA TYR A 80 -7.38 -4.19 -1.05
C TYR A 80 -6.33 -4.49 -2.11
N HIS A 81 -6.43 -5.67 -2.73
CA HIS A 81 -5.65 -6.01 -3.92
C HIS A 81 -6.09 -5.06 -5.03
N GLY A 82 -5.12 -4.62 -5.85
CA GLY A 82 -5.35 -3.61 -6.88
C GLY A 82 -6.01 -4.11 -8.15
N THR A 83 -6.27 -5.42 -8.22
CA THR A 83 -7.02 -6.05 -9.29
C THR A 83 -8.54 -6.00 -9.07
N ASP A 84 -8.97 -5.63 -7.85
CA ASP A 84 -10.38 -5.56 -7.47
C ASP A 84 -10.99 -4.23 -7.95
N ASP A 85 -11.13 -4.11 -9.28
CA ASP A 85 -11.39 -2.84 -9.97
C ASP A 85 -12.59 -2.01 -9.48
N ALA A 86 -13.64 -2.68 -9.01
CA ALA A 86 -14.88 -2.02 -8.58
C ALA A 86 -14.76 -1.39 -7.20
N ILE A 87 -14.15 -2.13 -6.26
CA ILE A 87 -13.99 -1.69 -4.87
C ILE A 87 -13.05 -0.48 -4.75
N LEU A 88 -12.19 -0.28 -5.75
CA LEU A 88 -11.26 0.85 -5.76
C LEU A 88 -11.94 2.21 -5.97
N GLN A 89 -13.23 2.18 -6.32
CA GLN A 89 -14.07 3.37 -6.35
C GLN A 89 -14.29 3.95 -4.94
N VAL A 90 -14.27 3.09 -3.92
CA VAL A 90 -14.56 3.47 -2.53
C VAL A 90 -13.55 2.97 -1.49
N ALA A 91 -12.39 2.48 -1.93
CA ALA A 91 -11.38 1.94 -1.03
C ALA A 91 -9.98 2.04 -1.63
N ILE A 92 -8.99 2.04 -0.74
CA ILE A 92 -7.57 2.06 -1.09
C ILE A 92 -7.18 0.72 -1.71
N GLY A 93 -6.32 0.79 -2.74
CA GLY A 93 -5.79 -0.38 -3.42
C GLY A 93 -4.28 -0.36 -3.54
N HIS A 94 -3.67 -1.49 -3.19
CA HIS A 94 -2.25 -1.74 -3.46
C HIS A 94 -2.06 -1.83 -4.96
N ILE A 95 -0.96 -1.25 -5.47
CA ILE A 95 -0.64 -1.28 -6.89
C ILE A 95 0.05 -2.61 -7.23
N PRO A 96 -0.60 -3.51 -7.99
CA PRO A 96 0.00 -4.79 -8.38
C PRO A 96 1.30 -4.55 -9.18
N GLY A 97 2.36 -5.30 -8.86
CA GLY A 97 3.67 -5.12 -9.46
C GLY A 97 4.63 -4.36 -8.55
N SER A 98 4.09 -3.62 -7.57
CA SER A 98 4.89 -3.06 -6.49
C SER A 98 4.96 -4.13 -5.38
N SER A 99 5.94 -3.97 -4.48
CA SER A 99 6.14 -4.88 -3.36
C SER A 99 4.87 -4.95 -2.53
N LEU A 100 4.54 -6.15 -2.04
CA LEU A 100 3.45 -6.29 -1.08
C LEU A 100 3.84 -5.57 0.20
N PRO A 101 2.88 -4.99 0.95
CA PRO A 101 3.19 -4.13 2.09
C PRO A 101 3.55 -4.92 3.36
N VAL A 102 4.67 -5.64 3.32
CA VAL A 102 5.22 -6.39 4.46
C VAL A 102 6.64 -5.96 4.81
N GLY A 103 7.14 -4.94 4.10
CA GLY A 103 8.46 -4.38 4.34
C GLY A 103 9.61 -5.33 4.05
N GLY A 104 10.81 -4.93 4.48
CA GLY A 104 12.05 -5.64 4.23
C GLY A 104 12.95 -4.82 3.32
N GLN A 105 14.25 -5.11 3.37
CA GLN A 105 15.23 -4.45 2.50
C GLN A 105 14.89 -4.84 1.06
N GLY A 106 15.01 -3.88 0.14
CA GLY A 106 14.69 -4.10 -1.25
C GLY A 106 13.20 -4.26 -1.49
N THR A 107 12.40 -3.39 -0.88
CA THR A 107 10.96 -3.32 -1.11
C THR A 107 10.51 -1.88 -1.30
N HIS A 108 9.58 -1.68 -2.23
CA HIS A 108 8.87 -0.42 -2.39
C HIS A 108 7.42 -0.76 -2.70
N SER A 109 6.57 -0.68 -1.68
CA SER A 109 5.14 -0.91 -1.82
C SER A 109 4.47 0.42 -2.16
N VAL A 110 3.43 0.34 -2.98
CA VAL A 110 2.67 1.50 -3.43
C VAL A 110 1.19 1.22 -3.20
N ILE A 111 0.54 2.10 -2.44
CA ILE A 111 -0.88 2.00 -2.13
C ILE A 111 -1.54 3.33 -2.48
N SER A 112 -2.70 3.26 -3.15
CA SER A 112 -3.28 4.41 -3.82
C SER A 112 -4.77 4.54 -3.62
N GLY A 113 -5.23 5.79 -3.60
CA GLY A 113 -6.64 6.13 -3.70
C GLY A 113 -6.96 6.90 -4.99
N HIS A 114 -6.04 6.90 -5.96
CA HIS A 114 -6.20 7.69 -7.18
C HIS A 114 -7.43 7.32 -8.03
N ARG A 115 -7.89 6.07 -7.93
CA ARG A 115 -9.07 5.55 -8.68
C ARG A 115 -10.36 5.79 -7.88
N GLY A 116 -10.27 6.40 -6.68
CA GLY A 116 -11.42 6.63 -5.83
C GLY A 116 -12.35 7.72 -6.35
N LEU A 117 -13.65 7.58 -6.06
CA LEU A 117 -14.62 8.61 -6.34
C LEU A 117 -14.35 9.81 -5.44
N PRO A 118 -14.55 11.05 -5.94
CA PRO A 118 -14.36 12.26 -5.12
C PRO A 118 -15.06 12.20 -3.76
N SER A 119 -16.30 11.70 -3.72
CA SER A 119 -17.08 11.58 -2.49
C SER A 119 -16.47 10.62 -1.45
N ALA A 120 -15.59 9.71 -1.92
CA ALA A 120 -14.92 8.74 -1.05
C ALA A 120 -13.78 9.35 -0.22
N LYS A 121 -13.18 10.44 -0.72
CA LYS A 121 -12.18 11.21 0.01
C LYS A 121 -10.96 10.38 0.42
N LEU A 122 -10.52 9.49 -0.48
CA LEU A 122 -9.42 8.57 -0.20
C LEU A 122 -8.07 9.28 -0.26
N PHE A 123 -7.37 9.30 0.88
CA PHE A 123 -6.10 10.01 1.05
C PHE A 123 -6.21 11.50 0.69
N THR A 124 -7.38 12.09 0.96
CA THR A 124 -7.68 13.47 0.61
C THR A 124 -6.73 14.49 1.28
N ASP A 125 -6.18 14.11 2.45
CA ASP A 125 -5.35 14.99 3.26
C ASP A 125 -3.86 14.62 3.35
N ILE A 126 -3.39 13.70 2.50
CA ILE A 126 -1.98 13.30 2.52
C ILE A 126 -1.02 14.41 2.07
N ASP A 127 -1.57 15.44 1.41
CA ASP A 127 -0.85 16.67 1.12
C ASP A 127 -0.46 17.47 2.38
N LYS A 128 -1.14 17.19 3.50
CA LYS A 128 -0.83 17.81 4.79
C LYS A 128 0.32 17.13 5.55
N LEU A 129 0.79 15.97 5.05
CA LEU A 129 1.91 15.26 5.64
C LEU A 129 3.22 15.96 5.29
N LYS A 130 4.06 16.19 6.30
CA LYS A 130 5.40 16.76 6.16
C LYS A 130 6.45 15.70 6.45
N ASN A 131 7.67 15.96 6.00
CA ASN A 131 8.83 15.14 6.32
C ASN A 131 8.95 14.99 7.83
N GLY A 132 9.05 13.73 8.29
CA GLY A 132 9.13 13.42 9.71
C GLY A 132 7.87 12.78 10.26
N ASP A 133 6.72 13.04 9.63
CA ASP A 133 5.44 12.44 10.02
C ASP A 133 5.47 10.94 9.74
N ARG A 134 4.69 10.19 10.52
CA ARG A 134 4.69 8.70 10.52
C ARG A 134 3.35 8.16 9.99
N PHE A 135 3.40 7.02 9.27
CA PHE A 135 2.24 6.18 9.06
C PHE A 135 2.64 4.72 9.26
N MET A 136 1.65 3.88 9.53
CA MET A 136 1.87 2.49 9.90
C MET A 136 1.04 1.56 9.03
N ILE A 137 1.65 0.47 8.58
CA ILE A 137 0.96 -0.61 7.91
C ILE A 137 0.76 -1.72 8.94
N HIS A 138 -0.49 -2.18 9.07
CA HIS A 138 -0.84 -3.30 9.94
C HIS A 138 -1.19 -4.49 9.04
N VAL A 139 -0.31 -5.51 9.08
CA VAL A 139 -0.42 -6.66 8.19
C VAL A 139 -0.22 -7.96 8.98
N LEU A 140 -1.29 -8.75 9.07
CA LEU A 140 -1.29 -10.05 9.75
C LEU A 140 -0.72 -9.97 11.17
N GLY A 141 -1.12 -8.93 11.90
CA GLY A 141 -0.72 -8.72 13.28
C GLY A 141 0.62 -8.03 13.51
N LYS A 142 1.35 -7.75 12.43
CA LYS A 142 2.64 -7.07 12.50
C LYS A 142 2.44 -5.61 12.13
N THR A 143 3.06 -4.72 12.90
CA THR A 143 3.02 -3.29 12.64
C THR A 143 4.33 -2.87 12.01
N ILE A 144 4.23 -2.14 10.89
CA ILE A 144 5.37 -1.67 10.11
C ILE A 144 5.24 -0.16 9.98
N THR A 145 6.27 0.56 10.46
CA THR A 145 6.22 2.02 10.56
C THR A 145 7.10 2.69 9.52
N TYR A 146 6.53 3.71 8.85
CA TYR A 146 7.18 4.51 7.79
C TYR A 146 7.19 5.98 8.20
N GLN A 147 8.28 6.68 7.90
CA GLN A 147 8.44 8.10 8.17
C GLN A 147 8.58 8.84 6.85
N VAL A 148 7.66 9.76 6.56
CA VAL A 148 7.63 10.43 5.26
C VAL A 148 8.90 11.27 5.08
N ASP A 149 9.53 11.12 3.91
CA ASP A 149 10.79 11.79 3.57
C ASP A 149 10.77 12.45 2.18
N GLN A 150 9.64 12.38 1.47
CA GLN A 150 9.53 12.88 0.11
C GLN A 150 8.06 13.03 -0.30
N THR A 151 7.75 14.17 -0.92
CA THR A 151 6.42 14.48 -1.43
C THR A 151 6.56 15.07 -2.83
N LEU A 152 6.19 14.27 -3.84
CA LEU A 152 6.31 14.66 -5.23
C LEU A 152 4.94 14.78 -5.86
N THR A 153 4.80 15.77 -6.74
CA THR A 153 3.63 15.89 -7.62
C THR A 153 4.11 15.63 -9.03
N VAL A 154 3.53 14.62 -9.68
CA VAL A 154 3.98 14.19 -11.00
C VAL A 154 2.83 13.99 -11.96
N GLU A 155 3.15 14.00 -13.26
CA GLU A 155 2.22 13.58 -14.30
C GLU A 155 2.02 12.07 -14.15
N PRO A 156 0.80 11.54 -14.41
CA PRO A 156 0.49 10.12 -14.18
C PRO A 156 1.45 9.11 -14.85
N GLU A 157 2.12 9.50 -15.93
CA GLU A 157 3.06 8.61 -16.64
C GLU A 157 4.40 8.40 -15.94
N ASP A 158 4.82 9.39 -15.13
N ASP A 158 4.79 9.36 -15.09
CA ASP A 158 6.14 9.39 -14.46
CA ASP A 158 6.12 9.39 -14.48
C ASP A 158 6.12 8.57 -13.18
C ASP A 158 6.16 8.59 -13.17
N ILE A 159 6.51 7.30 -13.30
CA ILE A 159 6.55 6.35 -12.18
C ILE A 159 7.98 5.95 -11.80
N SER A 160 8.98 6.67 -12.31
CA SER A 160 10.38 6.33 -12.10
C SER A 160 10.78 6.33 -10.62
N SER A 161 10.13 7.20 -9.82
CA SER A 161 10.37 7.30 -8.39
C SER A 161 9.78 6.16 -7.58
N LEU A 162 9.01 5.28 -8.25
CA LEU A 162 8.40 4.11 -7.60
C LEU A 162 9.25 2.84 -7.74
N ALA A 163 10.41 2.97 -8.39
CA ALA A 163 11.37 1.88 -8.55
C ALA A 163 11.70 1.26 -7.19
N ILE A 164 12.01 -0.04 -7.19
CA ILE A 164 12.43 -0.75 -5.98
C ILE A 164 13.94 -0.61 -5.86
N ASP A 165 14.38 0.03 -4.78
CA ASP A 165 15.79 0.22 -4.46
C ASP A 165 16.25 -0.95 -3.59
N PRO A 166 17.27 -1.73 -4.04
CA PRO A 166 17.66 -2.95 -3.33
C PRO A 166 18.10 -2.76 -1.87
N ASP A 167 18.56 -1.55 -1.52
CA ASP A 167 19.09 -1.24 -0.20
C ASP A 167 18.15 -0.38 0.65
N GLN A 168 16.86 -0.33 0.28
CA GLN A 168 15.89 0.50 0.99
C GLN A 168 14.55 -0.21 1.16
N ASP A 169 13.75 0.35 2.07
CA ASP A 169 12.43 -0.16 2.43
C ASP A 169 11.50 1.04 2.48
N TYR A 170 10.77 1.24 1.38
CA TYR A 170 9.90 2.42 1.12
C TYR A 170 8.44 1.98 1.00
N CYS A 171 7.53 2.86 1.43
CA CYS A 171 6.13 2.77 1.10
C CYS A 171 5.67 4.14 0.60
N THR A 172 5.03 4.17 -0.58
CA THR A 172 4.51 5.40 -1.18
C THR A 172 2.98 5.37 -1.18
N LEU A 173 2.38 6.43 -0.62
CA LEU A 173 0.95 6.70 -0.66
C LEU A 173 0.66 7.59 -1.85
N VAL A 174 -0.36 7.24 -2.64
CA VAL A 174 -0.69 7.92 -3.89
C VAL A 174 -2.15 8.36 -3.89
N THR A 175 -2.38 9.58 -4.41
CA THR A 175 -3.72 10.07 -4.67
C THR A 175 -3.72 10.98 -5.89
N ALA A 176 -4.90 11.16 -6.48
CA ALA A 176 -5.10 12.09 -7.58
C ALA A 176 -5.23 13.49 -7.00
N THR A 177 -4.48 14.44 -7.57
CA THR A 177 -4.55 15.83 -7.20
C THR A 177 -4.99 16.61 -8.43
N PRO A 178 -6.31 16.84 -8.61
CA PRO A 178 -6.82 17.55 -9.78
C PRO A 178 -6.78 19.07 -9.58
N TYR A 179 -5.81 19.73 -10.21
CA TYR A 179 -5.71 21.21 -10.31
C TYR A 179 -5.61 21.59 -11.80
N GLY A 180 -5.88 22.86 -12.12
CA GLY A 180 -5.95 23.31 -13.49
C GLY A 180 -7.08 22.57 -14.20
N ILE A 181 -6.84 22.20 -15.46
CA ILE A 181 -7.84 21.49 -16.26
C ILE A 181 -7.39 20.04 -16.52
N ASN A 182 -6.43 19.58 -15.71
CA ASN A 182 -5.69 18.34 -15.91
C ASN A 182 -5.71 17.53 -14.60
N SER A 183 -5.15 16.31 -14.65
CA SER A 183 -5.00 15.46 -13.46
C SER A 183 -3.54 15.10 -13.25
N MHS A 184 -3.09 15.21 -12.00
CA MHS A 184 -1.71 14.90 -11.54
C MHS A 184 -1.80 13.86 -10.43
O MHS A 184 -2.92 13.56 -9.98
CB MHS A 184 -1.00 16.19 -11.09
CG MHS A 184 -0.69 17.13 -12.20
ND1 MHS A 184 -1.61 18.09 -12.69
CD2 MHS A 184 0.42 17.28 -12.96
CE1 MHS A 184 -0.96 18.74 -13.69
NE2 MHS A 184 0.26 18.29 -13.89
CM MHS A 184 -2.96 18.36 -12.21
N ARG A 185 -0.65 13.32 -10.01
CA ARG A 185 -0.54 12.34 -8.91
C ARG A 185 0.35 12.93 -7.82
N LEU A 186 -0.08 12.79 -6.56
CA LEU A 186 0.74 13.11 -5.40
C LEU A 186 1.31 11.81 -4.87
N LEU A 187 2.65 11.73 -4.80
CA LEU A 187 3.35 10.57 -4.26
C LEU A 187 4.03 10.97 -2.95
N VAL A 188 3.54 10.41 -1.84
CA VAL A 188 4.06 10.66 -0.50
C VAL A 188 4.80 9.40 -0.05
N ARG A 189 6.13 9.46 -0.10
CA ARG A 189 7.04 8.32 0.22
C ARG A 189 7.50 8.40 1.69
N GLY A 190 7.52 7.26 2.36
CA GLY A 190 8.13 7.12 3.66
C GLY A 190 9.14 5.99 3.64
N HIS A 191 10.12 6.06 4.55
CA HIS A 191 11.09 4.98 4.73
C HIS A 191 10.88 4.29 6.07
N ARG A 192 11.27 3.02 6.13
CA ARG A 192 11.09 2.13 7.31
C ARG A 192 11.87 2.71 8.50
N VAL A 193 11.20 2.84 9.65
CA VAL A 193 11.83 3.20 10.91
C VAL A 193 11.30 2.24 11.98
N PRO A 194 12.00 2.06 13.11
CA PRO A 194 11.53 1.19 14.19
C PRO A 194 10.18 1.64 14.77
N ASN A 195 9.35 0.69 15.19
CA ASN A 195 8.03 0.97 15.76
C ASN A 195 8.10 1.77 17.06
N GLU A 196 6.98 2.42 17.39
CA GLU A 196 6.84 3.22 18.60
C GLU A 196 6.31 2.33 19.74
N LYS A 197 7.21 1.92 20.63
CA LYS A 197 6.87 1.05 21.76
C LYS A 197 5.97 1.75 22.78
C1 EDO B . 8.21 15.60 -14.01
O1 EDO B . 8.93 14.44 -13.67
C2 EDO B . 6.90 15.68 -13.32
O2 EDO B . 6.01 14.63 -13.67
C1 EDO C . -7.87 9.67 4.24
O1 EDO C . -8.82 9.38 3.23
C2 EDO C . -7.57 11.12 4.39
O2 EDO C . -6.19 11.40 4.49
#